data_1VB6
#
_entry.id   1VB6
#
_cell.length_a   47.894
_cell.length_b   69.337
_cell.length_c   81.876
_cell.angle_alpha   90.00
_cell.angle_beta   90.00
_cell.angle_gamma   90.00
#
_symmetry.space_group_name_H-M   'P 21 21 21'
#
loop_
_entity.id
_entity.type
_entity.pdbx_description
1 polymer 'Heme pas sensor protein'
2 non-polymer 'PROTOPORPHYRIN IX CONTAINING FE'
3 non-polymer 'OXYGEN MOLECULE'
4 water water
#
_entity_poly.entity_id   1
_entity_poly.type   'polypeptide(L)'
_entity_poly.pdbx_seq_one_letter_code
;MGSSHHHHHHSSGLVPRGSHMRQDAEVIMKLTDADNAADGIFFPALEQNMMGAVLINENDEVMFFNPAAEKLWGYKREEV
IGNNIDMLIPRDLRPAHPEYIRHNREGGKARVEGMSRELQLEKKDGSKIWTRFALSKVSAEGKVYYLALVRDASVEMAQK
EQTRQLI
;
_entity_poly.pdbx_strand_id   A,B
#
loop_
_chem_comp.id
_chem_comp.type
_chem_comp.name
_chem_comp.formula
HEM non-polymer 'PROTOPORPHYRIN IX CONTAINING FE' 'C34 H32 Fe N4 O4'
OXY non-polymer 'OXYGEN MOLECULE' O2
#
# COMPACT_ATOMS: atom_id res chain seq x y z
N GLY A 40 -3.29 -14.33 -7.88
CA GLY A 40 -2.43 -15.22 -7.04
C GLY A 40 -1.25 -14.48 -6.41
N ILE A 41 -0.87 -13.35 -6.99
CA ILE A 41 0.25 -12.58 -6.47
C ILE A 41 -0.19 -11.40 -5.59
N PHE A 42 -1.47 -11.07 -5.64
CA PHE A 42 -1.99 -9.95 -4.85
C PHE A 42 -1.89 -10.20 -3.35
N PHE A 43 -2.18 -11.41 -2.89
CA PHE A 43 -2.05 -11.68 -1.47
C PHE A 43 -0.59 -11.52 -1.03
N PRO A 44 0.35 -12.23 -1.71
CA PRO A 44 1.76 -12.13 -1.33
C PRO A 44 2.27 -10.68 -1.34
N ALA A 45 1.82 -9.90 -2.32
CA ALA A 45 2.25 -8.51 -2.43
C ALA A 45 1.90 -7.70 -1.18
N LEU A 46 0.78 -8.02 -0.55
CA LEU A 46 0.37 -7.33 0.67
C LEU A 46 0.95 -8.01 1.90
N GLU A 47 0.97 -9.34 1.89
CA GLU A 47 1.51 -10.09 3.02
C GLU A 47 2.97 -9.74 3.29
N GLN A 48 3.77 -9.66 2.23
CA GLN A 48 5.20 -9.38 2.36
C GLN A 48 5.56 -7.91 2.19
N ASN A 49 4.56 -7.04 2.22
CA ASN A 49 4.81 -5.62 2.02
C ASN A 49 5.58 -4.98 3.16
N MET A 50 6.38 -3.97 2.84
CA MET A 50 7.14 -3.27 3.87
C MET A 50 6.18 -2.39 4.67
N MET A 51 5.03 -2.07 4.08
CA MET A 51 4.03 -1.26 4.77
C MET A 51 3.10 -2.15 5.59
N GLY A 52 2.73 -1.67 6.77
CA GLY A 52 1.80 -2.43 7.59
C GLY A 52 0.49 -2.39 6.84
N ALA A 53 -0.28 -3.49 6.92
CA ALA A 53 -1.56 -3.54 6.24
C ALA A 53 -2.63 -4.08 7.18
N VAL A 54 -3.72 -3.33 7.28
CA VAL A 54 -4.85 -3.71 8.14
C VAL A 54 -6.13 -3.60 7.34
N LEU A 55 -6.82 -4.72 7.19
CA LEU A 55 -8.06 -4.75 6.42
C LEU A 55 -9.22 -5.05 7.35
N ILE A 56 -10.23 -4.19 7.37
CA ILE A 56 -11.39 -4.45 8.22
C ILE A 56 -12.61 -4.64 7.34
N ASN A 57 -13.53 -5.49 7.78
CA ASN A 57 -14.73 -5.78 7.01
C ASN A 57 -15.89 -4.82 7.30
N GLU A 58 -17.07 -5.18 6.82
CA GLU A 58 -18.27 -4.37 6.98
C GLU A 58 -18.65 -4.13 8.43
N ASN A 59 -18.18 -5.00 9.32
CA ASN A 59 -18.49 -4.84 10.74
C ASN A 59 -17.31 -4.31 11.53
N ASP A 60 -16.35 -3.71 10.82
CA ASP A 60 -15.16 -3.13 11.43
C ASP A 60 -14.25 -4.14 12.14
N GLU A 61 -14.34 -5.41 11.75
CA GLU A 61 -13.51 -6.44 12.35
C GLU A 61 -12.30 -6.67 11.44
N VAL A 62 -11.14 -6.91 12.05
CA VAL A 62 -9.91 -7.11 11.28
C VAL A 62 -9.84 -8.48 10.63
N MET A 63 -9.77 -8.50 9.30
CA MET A 63 -9.70 -9.75 8.55
C MET A 63 -8.31 -10.07 8.02
N PHE A 64 -7.42 -9.07 8.04
CA PHE A 64 -6.06 -9.24 7.56
C PHE A 64 -5.16 -8.26 8.33
N PHE A 65 -4.03 -8.76 8.81
CA PHE A 65 -3.07 -7.96 9.59
C PHE A 65 -1.72 -8.59 9.28
N ASN A 66 -0.93 -7.94 8.41
CA ASN A 66 0.35 -8.51 8.01
C ASN A 66 1.51 -8.35 8.99
N PRO A 67 2.63 -9.06 8.74
CA PRO A 67 3.79 -8.97 9.63
C PRO A 67 4.28 -7.54 9.89
N ALA A 68 4.26 -6.70 8.86
CA ALA A 68 4.72 -5.33 9.04
C ALA A 68 3.85 -4.64 10.09
N ALA A 69 2.55 -4.91 10.06
CA ALA A 69 1.63 -4.31 11.03
C ALA A 69 1.92 -4.86 12.42
N GLU A 70 2.31 -6.14 12.49
CA GLU A 70 2.65 -6.76 13.76
C GLU A 70 3.77 -5.97 14.42
N LYS A 71 4.78 -5.61 13.63
CA LYS A 71 5.93 -4.86 14.14
C LYS A 71 5.53 -3.45 14.58
N LEU A 72 4.69 -2.79 13.80
CA LEU A 72 4.26 -1.43 14.11
C LEU A 72 3.47 -1.34 15.42
N TRP A 73 2.46 -2.20 15.57
CA TRP A 73 1.61 -2.18 16.75
C TRP A 73 2.11 -2.98 17.95
N GLY A 74 2.86 -4.06 17.70
CA GLY A 74 3.36 -4.86 18.79
C GLY A 74 2.42 -6.01 19.14
N TYR A 75 1.46 -6.26 18.25
CA TYR A 75 0.50 -7.35 18.43
C TYR A 75 0.79 -8.44 17.41
N LYS A 76 0.54 -9.68 17.79
CA LYS A 76 0.71 -10.80 16.87
C LYS A 76 -0.63 -10.83 16.14
N ARG A 77 -0.62 -11.15 14.85
CA ARG A 77 -1.86 -11.17 14.09
C ARG A 77 -2.95 -12.04 14.70
N GLU A 78 -2.57 -13.15 15.33
CA GLU A 78 -3.58 -14.02 15.93
C GLU A 78 -4.35 -13.32 17.05
N GLU A 79 -3.75 -12.26 17.61
CA GLU A 79 -4.37 -11.47 18.69
C GLU A 79 -5.33 -10.43 18.15
N VAL A 80 -5.23 -10.15 16.85
CA VAL A 80 -6.06 -9.12 16.24
C VAL A 80 -7.19 -9.63 15.35
N ILE A 81 -6.92 -10.66 14.57
CA ILE A 81 -7.93 -11.20 13.66
C ILE A 81 -9.29 -11.46 14.29
N GLY A 82 -10.33 -10.94 13.66
CA GLY A 82 -11.67 -11.13 14.17
C GLY A 82 -12.13 -10.11 15.18
N ASN A 83 -11.21 -9.29 15.68
CA ASN A 83 -11.57 -8.28 16.67
C ASN A 83 -11.91 -6.94 16.02
N ASN A 84 -12.65 -6.12 16.77
CA ASN A 84 -13.04 -4.81 16.28
C ASN A 84 -11.78 -3.95 16.16
N ILE A 85 -11.73 -3.09 15.15
CA ILE A 85 -10.59 -2.23 14.91
C ILE A 85 -10.26 -1.39 16.16
N ASP A 86 -11.24 -1.25 17.05
CA ASP A 86 -11.06 -0.47 18.27
C ASP A 86 -9.77 -0.80 19.03
N MET A 87 -9.35 -2.06 19.04
CA MET A 87 -8.14 -2.44 19.76
C MET A 87 -6.86 -1.86 19.16
N LEU A 88 -6.93 -1.36 17.93
CA LEU A 88 -5.76 -0.78 17.28
C LEU A 88 -5.74 0.74 17.36
N ILE A 89 -6.81 1.32 17.88
CA ILE A 89 -6.92 2.77 18.00
C ILE A 89 -6.38 3.25 19.35
N PRO A 90 -5.66 4.37 19.36
CA PRO A 90 -5.12 4.88 20.63
C PRO A 90 -6.26 4.98 21.64
N ARG A 91 -6.00 4.57 22.88
CA ARG A 91 -7.03 4.58 23.91
C ARG A 91 -7.79 5.89 24.08
N ASP A 92 -7.10 7.02 24.03
CA ASP A 92 -7.80 8.29 24.19
C ASP A 92 -8.60 8.71 22.96
N LEU A 93 -8.52 7.93 21.89
CA LEU A 93 -9.27 8.25 20.67
C LEU A 93 -10.36 7.22 20.43
N ARG A 94 -10.30 6.10 21.14
CA ARG A 94 -11.30 5.04 20.96
C ARG A 94 -12.75 5.50 21.06
N PRO A 95 -13.05 6.41 21.99
CA PRO A 95 -14.44 6.87 22.10
C PRO A 95 -14.97 7.60 20.86
N ALA A 96 -14.09 8.30 20.15
CA ALA A 96 -14.53 9.07 18.99
C ALA A 96 -14.38 8.42 17.62
N HIS A 97 -13.40 7.54 17.48
CA HIS A 97 -13.12 6.90 16.19
C HIS A 97 -14.28 6.16 15.52
N PRO A 98 -15.08 5.39 16.29
CA PRO A 98 -16.19 4.67 15.69
C PRO A 98 -17.15 5.52 14.86
N GLU A 99 -17.41 6.74 15.32
CA GLU A 99 -18.33 7.62 14.61
C GLU A 99 -17.77 8.11 13.29
N TYR A 100 -16.44 8.23 13.21
CA TYR A 100 -15.80 8.67 11.98
C TYR A 100 -15.90 7.58 10.92
N ILE A 101 -15.75 6.32 11.34
CA ILE A 101 -15.86 5.24 10.37
C ILE A 101 -17.32 5.16 9.92
N ARG A 102 -18.24 5.17 10.87
CA ARG A 102 -19.66 5.09 10.54
C ARG A 102 -20.06 6.21 9.58
N HIS A 103 -19.62 7.44 9.88
CA HIS A 103 -19.95 8.58 9.03
C HIS A 103 -19.45 8.38 7.61
N ASN A 104 -18.24 7.85 7.47
CA ASN A 104 -17.69 7.63 6.15
C ASN A 104 -18.46 6.54 5.42
N ARG A 105 -18.81 5.47 6.13
CA ARG A 105 -19.58 4.38 5.53
C ARG A 105 -20.90 4.91 5.00
N GLU A 106 -21.59 5.69 5.82
CA GLU A 106 -22.87 6.26 5.43
C GLU A 106 -22.73 7.33 4.33
N GLY A 107 -21.54 7.90 4.22
CA GLY A 107 -21.29 8.93 3.22
C GLY A 107 -21.32 8.49 1.77
N GLY A 108 -20.80 7.30 1.49
CA GLY A 108 -20.80 6.81 0.12
C GLY A 108 -19.71 7.32 -0.79
N LYS A 109 -18.85 8.20 -0.30
CA LYS A 109 -17.77 8.75 -1.11
C LYS A 109 -16.71 7.68 -1.40
N ALA A 110 -16.13 7.75 -2.59
CA ALA A 110 -15.11 6.78 -3.00
C ALA A 110 -13.78 6.94 -2.28
N ARG A 111 -13.25 8.16 -2.29
CA ARG A 111 -11.97 8.45 -1.66
C ARG A 111 -12.10 8.89 -0.21
N VAL A 112 -11.20 8.38 0.64
CA VAL A 112 -11.18 8.74 2.05
C VAL A 112 -10.22 9.93 2.15
N GLU A 113 -10.73 11.05 2.68
CA GLU A 113 -9.90 12.24 2.80
C GLU A 113 -9.20 12.37 4.14
N GLY A 114 -9.78 11.76 5.17
CA GLY A 114 -9.20 11.83 6.49
C GLY A 114 -7.93 11.04 6.68
N MET A 115 -7.36 11.13 7.88
CA MET A 115 -6.13 10.44 8.23
C MET A 115 -5.07 10.70 7.17
N SER A 116 -4.98 11.96 6.73
CA SER A 116 -4.03 12.34 5.69
C SER A 116 -2.67 12.82 6.17
N ARG A 117 -2.55 13.16 7.46
CA ARG A 117 -1.28 13.64 7.99
C ARG A 117 -0.68 12.68 9.02
N GLU A 118 0.55 12.97 9.43
CA GLU A 118 1.24 12.13 10.42
C GLU A 118 0.41 11.98 11.68
N LEU A 119 0.29 10.74 12.15
CA LEU A 119 -0.48 10.44 13.35
C LEU A 119 0.31 9.56 14.31
N GLN A 120 0.03 9.72 15.60
CA GLN A 120 0.69 8.95 16.63
C GLN A 120 -0.01 7.61 16.83
N LEU A 121 0.74 6.52 16.65
CA LEU A 121 0.21 5.18 16.82
C LEU A 121 0.61 4.66 18.20
N GLU A 122 -0.36 4.09 18.92
CA GLU A 122 -0.11 3.54 20.26
C GLU A 122 0.11 2.03 20.20
N LYS A 123 1.30 1.61 20.58
CA LYS A 123 1.67 0.19 20.59
C LYS A 123 1.03 -0.57 21.75
N LYS A 124 1.12 -1.89 21.70
CA LYS A 124 0.55 -2.73 22.74
C LYS A 124 1.10 -2.36 24.12
N ASP A 125 2.40 -2.04 24.18
CA ASP A 125 3.02 -1.69 25.45
C ASP A 125 2.71 -0.27 25.90
N GLY A 126 1.90 0.45 25.13
CA GLY A 126 1.54 1.80 25.50
C GLY A 126 2.42 2.91 24.98
N SER A 127 3.56 2.57 24.37
CA SER A 127 4.44 3.59 23.82
C SER A 127 3.86 4.13 22.52
N LYS A 128 4.33 5.29 22.09
CA LYS A 128 3.83 5.93 20.87
C LYS A 128 4.90 6.08 19.80
N ILE A 129 4.48 6.02 18.54
CA ILE A 129 5.40 6.21 17.42
C ILE A 129 4.66 6.96 16.31
N TRP A 130 5.37 7.87 15.65
CA TRP A 130 4.78 8.63 14.55
C TRP A 130 4.65 7.76 13.32
N THR A 131 3.49 7.85 12.67
CA THR A 131 3.24 7.05 11.47
C THR A 131 2.51 7.86 10.41
N ARG A 132 2.45 7.29 9.21
CA ARG A 132 1.74 7.90 8.10
C ARG A 132 0.80 6.80 7.60
N PHE A 133 -0.48 7.12 7.45
CA PHE A 133 -1.48 6.16 6.97
C PHE A 133 -1.95 6.49 5.57
N ALA A 134 -2.24 5.44 4.80
CA ALA A 134 -2.79 5.59 3.46
C ALA A 134 -4.07 4.78 3.54
N LEU A 135 -5.19 5.47 3.74
CA LEU A 135 -6.50 4.80 3.89
C LEU A 135 -7.25 4.67 2.56
N SER A 136 -7.76 3.48 2.32
CA SER A 136 -8.52 3.22 1.10
C SER A 136 -9.83 2.53 1.40
N LYS A 137 -10.89 2.97 0.72
CA LYS A 137 -12.20 2.36 0.87
C LYS A 137 -12.24 1.30 -0.22
N VAL A 138 -12.51 0.07 0.16
CA VAL A 138 -12.54 -1.03 -0.81
C VAL A 138 -13.92 -1.65 -0.92
N SER A 139 -14.53 -1.50 -2.09
CA SER A 139 -15.85 -2.07 -2.32
C SER A 139 -15.70 -3.44 -2.96
N ALA A 140 -16.24 -4.45 -2.30
CA ALA A 140 -16.16 -5.81 -2.80
C ALA A 140 -17.20 -6.69 -2.15
N GLU A 141 -17.84 -7.53 -2.97
CA GLU A 141 -18.85 -8.46 -2.48
C GLU A 141 -20.07 -7.71 -1.94
N GLY A 142 -20.34 -6.54 -2.51
CA GLY A 142 -21.46 -5.74 -2.06
C GLY A 142 -21.24 -5.21 -0.66
N LYS A 143 -19.99 -5.27 -0.20
CA LYS A 143 -19.65 -4.79 1.13
C LYS A 143 -18.64 -3.66 1.04
N VAL A 144 -18.50 -2.92 2.13
CA VAL A 144 -17.53 -1.83 2.19
C VAL A 144 -16.46 -2.21 3.21
N TYR A 145 -15.23 -2.39 2.72
CA TYR A 145 -14.09 -2.73 3.55
C TYR A 145 -13.20 -1.50 3.58
N TYR A 146 -12.25 -1.48 4.49
CA TYR A 146 -11.28 -0.40 4.55
C TYR A 146 -9.91 -1.04 4.70
N LEU A 147 -8.94 -0.57 3.92
CA LEU A 147 -7.58 -1.06 4.03
C LEU A 147 -6.70 0.09 4.43
N ALA A 148 -5.95 -0.10 5.50
CA ALA A 148 -5.02 0.93 5.95
C ALA A 148 -3.60 0.42 5.70
N LEU A 149 -2.83 1.22 4.97
CA LEU A 149 -1.42 0.90 4.71
C LEU A 149 -0.69 1.88 5.62
N VAL A 150 0.25 1.37 6.39
CA VAL A 150 0.96 2.19 7.37
C VAL A 150 2.47 2.08 7.32
N ARG A 151 3.15 3.17 7.65
CA ARG A 151 4.61 3.18 7.71
C ARG A 151 5.04 4.07 8.86
N ASP A 152 6.19 3.77 9.43
CA ASP A 152 6.74 4.54 10.54
C ASP A 152 7.26 5.84 9.94
N ALA A 153 6.90 6.96 10.56
CA ALA A 153 7.34 8.26 10.06
C ALA A 153 8.23 8.95 11.09
N GLY B 40 -10.65 -13.12 -4.34
CA GLY B 40 -9.96 -12.63 -3.11
C GLY B 40 -10.11 -11.14 -2.94
N ILE B 41 -10.22 -10.70 -1.69
CA ILE B 41 -10.36 -9.29 -1.36
C ILE B 41 -9.05 -8.55 -1.59
N PHE B 42 -7.97 -9.30 -1.77
CA PHE B 42 -6.66 -8.70 -1.97
C PHE B 42 -6.49 -7.98 -3.30
N PHE B 43 -7.12 -8.48 -4.35
CA PHE B 43 -7.02 -7.80 -5.64
C PHE B 43 -7.71 -6.43 -5.52
N PRO B 44 -8.96 -6.41 -5.06
CA PRO B 44 -9.69 -5.14 -4.91
C PRO B 44 -8.94 -4.15 -4.02
N ALA B 45 -8.30 -4.68 -2.97
CA ALA B 45 -7.56 -3.86 -2.02
C ALA B 45 -6.46 -3.07 -2.71
N LEU B 46 -5.82 -3.67 -3.72
CA LEU B 46 -4.76 -2.98 -4.45
C LEU B 46 -5.33 -2.21 -5.64
N GLU B 47 -6.29 -2.80 -6.33
CA GLU B 47 -6.90 -2.16 -7.48
C GLU B 47 -7.53 -0.82 -7.11
N GLN B 48 -8.27 -0.80 -6.01
CA GLN B 48 -8.94 0.42 -5.57
C GLN B 48 -8.11 1.24 -4.58
N ASN B 49 -6.83 0.94 -4.45
CA ASN B 49 -6.03 1.68 -3.47
C ASN B 49 -5.81 3.14 -3.82
N MET B 50 -5.69 3.98 -2.80
CA MET B 50 -5.45 5.40 -3.03
C MET B 50 -4.02 5.58 -3.53
N MET B 51 -3.16 4.63 -3.17
CA MET B 51 -1.76 4.66 -3.58
C MET B 51 -1.58 4.01 -4.95
N GLY B 52 -0.69 4.56 -5.75
CA GLY B 52 -0.44 3.96 -7.05
C GLY B 52 0.23 2.64 -6.76
N ALA B 53 -0.08 1.61 -7.55
CA ALA B 53 0.53 0.31 -7.34
C ALA B 53 1.05 -0.23 -8.66
N VAL B 54 2.34 -0.58 -8.66
CA VAL B 54 2.98 -1.13 -9.85
C VAL B 54 3.67 -2.42 -9.47
N LEU B 55 3.28 -3.51 -10.12
CA LEU B 55 3.87 -4.81 -9.84
C LEU B 55 4.63 -5.31 -11.06
N ILE B 56 5.87 -5.74 -10.87
CA ILE B 56 6.63 -6.27 -12.00
C ILE B 56 6.99 -7.73 -11.74
N ASN B 57 7.04 -8.52 -12.81
CA ASN B 57 7.35 -9.94 -12.69
C ASN B 57 8.86 -10.21 -12.72
N GLU B 58 9.21 -11.49 -12.79
CA GLU B 58 10.59 -11.94 -12.79
C GLU B 58 11.42 -11.34 -13.94
N ASN B 59 10.75 -10.99 -15.03
CA ASN B 59 11.41 -10.43 -16.21
C ASN B 59 11.29 -8.91 -16.27
N ASP B 60 10.94 -8.31 -15.14
CA ASP B 60 10.79 -6.85 -15.02
C ASP B 60 9.72 -6.24 -15.92
N GLU B 61 8.72 -7.05 -16.26
CA GLU B 61 7.62 -6.59 -17.07
C GLU B 61 6.50 -6.17 -16.12
N VAL B 62 5.80 -5.10 -16.44
CA VAL B 62 4.71 -4.62 -15.58
C VAL B 62 3.50 -5.54 -15.72
N MET B 63 3.07 -6.13 -14.63
CA MET B 63 1.92 -7.04 -14.69
C MET B 63 0.67 -6.49 -14.00
N PHE B 64 0.82 -5.39 -13.28
CA PHE B 64 -0.31 -4.75 -12.60
C PHE B 64 0.02 -3.26 -12.49
N PHE B 65 -0.96 -2.43 -12.84
CA PHE B 65 -0.81 -0.98 -12.84
C PHE B 65 -2.21 -0.44 -12.55
N ASN B 66 -2.46 -0.05 -11.31
CA ASN B 66 -3.80 0.42 -10.94
C ASN B 66 -4.16 1.84 -11.37
N PRO B 67 -5.42 2.23 -11.23
CA PRO B 67 -5.87 3.57 -11.62
C PRO B 67 -5.09 4.70 -10.95
N ALA B 68 -4.71 4.52 -9.69
CA ALA B 68 -3.94 5.56 -8.98
C ALA B 68 -2.60 5.75 -9.69
N ALA B 69 -2.04 4.65 -10.21
CA ALA B 69 -0.76 4.73 -10.91
C ALA B 69 -0.99 5.45 -12.25
N GLU B 70 -2.14 5.19 -12.88
CA GLU B 70 -2.44 5.84 -14.14
C GLU B 70 -2.45 7.37 -13.96
N LYS B 71 -3.05 7.82 -12.86
CA LYS B 71 -3.13 9.24 -12.56
C LYS B 71 -1.75 9.85 -12.30
N LEU B 72 -0.92 9.12 -11.56
CA LEU B 72 0.43 9.59 -11.25
C LEU B 72 1.35 9.72 -12.47
N TRP B 73 1.39 8.68 -13.29
CA TRP B 73 2.25 8.66 -14.49
C TRP B 73 1.68 9.30 -15.74
N GLY B 74 0.36 9.30 -15.88
CA GLY B 74 -0.25 9.86 -17.08
C GLY B 74 -0.33 8.83 -18.19
N TYR B 75 -0.22 7.56 -17.82
CA TYR B 75 -0.30 6.44 -18.75
C TYR B 75 -1.53 5.61 -18.42
N LYS B 76 -2.17 5.03 -19.44
CA LYS B 76 -3.32 4.17 -19.20
C LYS B 76 -2.68 2.79 -19.04
N ARG B 77 -3.28 1.92 -18.23
CA ARG B 77 -2.69 0.59 -18.03
C ARG B 77 -2.48 -0.12 -19.37
N GLU B 78 -3.31 0.20 -20.35
CA GLU B 78 -3.21 -0.42 -21.67
C GLU B 78 -1.86 -0.11 -22.34
N GLU B 79 -1.24 1.00 -21.94
CA GLU B 79 0.05 1.42 -22.50
C GLU B 79 1.22 0.86 -21.70
N VAL B 80 0.92 0.25 -20.56
CA VAL B 80 1.97 -0.25 -19.67
C VAL B 80 2.03 -1.75 -19.44
N ILE B 81 0.87 -2.37 -19.21
CA ILE B 81 0.83 -3.81 -18.95
C ILE B 81 1.54 -4.63 -20.01
N GLY B 82 2.42 -5.50 -19.56
CA GLY B 82 3.17 -6.35 -20.47
C GLY B 82 4.45 -5.73 -20.98
N ASN B 83 4.64 -4.43 -20.75
CA ASN B 83 5.84 -3.76 -21.20
C ASN B 83 6.90 -3.69 -20.10
N ASN B 84 8.12 -3.28 -20.46
CA ASN B 84 9.21 -3.22 -19.51
C ASN B 84 9.12 -2.06 -18.51
N ILE B 85 9.60 -2.32 -17.29
CA ILE B 85 9.59 -1.32 -16.24
C ILE B 85 10.31 -0.05 -16.69
N ASP B 86 11.25 -0.22 -17.62
CA ASP B 86 12.04 0.88 -18.16
C ASP B 86 11.20 2.07 -18.62
N MET B 87 10.03 1.80 -19.18
CA MET B 87 9.17 2.89 -19.66
C MET B 87 8.64 3.78 -18.54
N LEU B 88 8.66 3.30 -17.30
CA LEU B 88 8.16 4.08 -16.17
C LEU B 88 9.26 4.82 -15.43
N ILE B 89 10.51 4.56 -15.80
CA ILE B 89 11.67 5.19 -15.17
C ILE B 89 12.00 6.53 -15.84
N PRO B 90 12.29 7.57 -15.03
CA PRO B 90 12.62 8.86 -15.65
C PRO B 90 13.73 8.68 -16.67
N ARG B 91 13.65 9.40 -17.78
CA ARG B 91 14.66 9.25 -18.82
C ARG B 91 16.10 9.37 -18.32
N ASP B 92 16.37 10.33 -17.43
CA ASP B 92 17.73 10.49 -16.96
C ASP B 92 18.20 9.40 -15.98
N LEU B 93 17.30 8.51 -15.60
CA LEU B 93 17.64 7.42 -14.70
C LEU B 93 17.58 6.06 -15.42
N ARG B 94 17.11 6.06 -16.66
CA ARG B 94 17.03 4.80 -17.41
C ARG B 94 18.41 4.15 -17.53
N PRO B 95 19.48 4.95 -17.60
CA PRO B 95 20.81 4.33 -17.71
C PRO B 95 21.27 3.59 -16.45
N ALA B 96 20.81 4.04 -15.28
CA ALA B 96 21.25 3.43 -14.04
C ALA B 96 20.29 2.46 -13.36
N HIS B 97 19.00 2.63 -13.61
CA HIS B 97 18.00 1.78 -12.96
C HIS B 97 18.10 0.28 -13.23
N PRO B 98 18.37 -0.13 -14.48
CA PRO B 98 18.47 -1.57 -14.77
C PRO B 98 19.40 -2.30 -13.82
N GLU B 99 20.57 -1.73 -13.56
CA GLU B 99 21.51 -2.40 -12.67
C GLU B 99 21.04 -2.41 -11.22
N TYR B 100 20.24 -1.42 -10.85
CA TYR B 100 19.71 -1.37 -9.48
C TYR B 100 18.87 -2.62 -9.24
N ILE B 101 17.99 -2.91 -10.20
CA ILE B 101 17.13 -4.08 -10.09
C ILE B 101 17.93 -5.38 -10.17
N ARG B 102 18.72 -5.49 -11.23
CA ARG B 102 19.52 -6.70 -11.44
C ARG B 102 20.31 -7.08 -10.19
N HIS B 103 21.05 -6.14 -9.65
CA HIS B 103 21.85 -6.42 -8.47
C HIS B 103 21.00 -6.85 -7.28
N ASN B 104 19.79 -6.31 -7.15
CA ASN B 104 18.94 -6.71 -6.04
C ASN B 104 18.40 -8.13 -6.25
N ARG B 105 18.07 -8.46 -7.49
CA ARG B 105 17.55 -9.78 -7.81
C ARG B 105 18.57 -10.89 -7.54
N GLU B 106 19.79 -10.70 -8.04
CA GLU B 106 20.84 -11.69 -7.83
C GLU B 106 21.68 -11.37 -6.62
N GLY B 107 21.56 -12.23 -5.60
CA GLY B 107 22.29 -12.03 -4.37
C GLY B 107 21.34 -11.79 -3.21
N GLY B 108 20.04 -11.87 -3.49
CA GLY B 108 19.04 -11.66 -2.47
C GLY B 108 18.56 -12.95 -1.82
N GLU B 113 13.95 -7.62 1.39
CA GLU B 113 14.20 -6.18 1.27
C GLU B 113 12.98 -5.29 1.06
N GLY B 114 13.08 -4.07 1.60
CA GLY B 114 12.06 -3.06 1.48
C GLY B 114 12.57 -1.73 2.02
N MET B 115 12.10 -0.66 1.38
CA MET B 115 12.45 0.70 1.75
C MET B 115 11.52 1.78 1.16
N SER B 116 11.36 2.87 1.93
CA SER B 116 10.52 3.99 1.52
C SER B 116 11.32 5.30 1.50
N ARG B 117 11.22 6.02 0.39
CA ARG B 117 11.90 7.30 0.25
C ARG B 117 11.23 8.09 -0.87
N GLU B 118 11.54 9.38 -0.95
CA GLU B 118 10.95 10.21 -1.99
C GLU B 118 11.72 10.15 -3.30
N LEU B 119 10.97 10.04 -4.40
CA LEU B 119 11.57 9.96 -5.73
C LEU B 119 10.88 10.93 -6.67
N GLN B 120 11.62 11.42 -7.65
CA GLN B 120 11.04 12.34 -8.62
C GLN B 120 10.53 11.51 -9.79
N LEU B 121 9.22 11.53 -9.99
CA LEU B 121 8.57 10.77 -11.05
C LEU B 121 8.37 11.62 -12.31
N GLU B 122 8.66 11.03 -13.47
CA GLU B 122 8.49 11.72 -14.73
C GLU B 122 7.27 11.14 -15.42
N LYS B 123 6.30 12.01 -15.73
CA LYS B 123 5.07 11.57 -16.38
C LYS B 123 5.25 11.38 -17.88
N LYS B 124 4.23 10.81 -18.51
CA LYS B 124 4.27 10.56 -19.95
C LYS B 124 4.57 11.84 -20.73
N ASP B 125 3.97 12.96 -20.29
CA ASP B 125 4.17 14.22 -20.99
C ASP B 125 5.46 14.95 -20.65
N GLY B 126 6.29 14.34 -19.81
CA GLY B 126 7.56 14.96 -19.47
C GLY B 126 7.58 15.78 -18.20
N SER B 127 6.41 16.14 -17.67
CA SER B 127 6.38 16.91 -16.44
C SER B 127 6.83 16.00 -15.30
N LYS B 128 7.37 16.60 -14.24
CA LYS B 128 7.87 15.83 -13.11
C LYS B 128 7.22 16.23 -11.80
N ILE B 129 7.00 15.25 -10.94
CA ILE B 129 6.41 15.51 -9.63
C ILE B 129 7.12 14.69 -8.57
N TRP B 130 7.20 15.23 -7.36
CA TRP B 130 7.85 14.49 -6.29
C TRP B 130 6.81 13.58 -5.64
N THR B 131 7.24 12.36 -5.33
CA THR B 131 6.39 11.34 -4.76
C THR B 131 7.17 10.56 -3.71
N ARG B 132 6.48 9.66 -3.02
CA ARG B 132 7.13 8.79 -2.05
C ARG B 132 6.85 7.38 -2.52
N PHE B 133 7.90 6.56 -2.56
CA PHE B 133 7.78 5.18 -3.01
C PHE B 133 8.04 4.21 -1.86
N ALA B 134 7.18 3.21 -1.74
CA ALA B 134 7.33 2.17 -0.74
C ALA B 134 7.52 0.91 -1.59
N LEU B 135 8.77 0.47 -1.71
CA LEU B 135 9.12 -0.69 -2.53
C LEU B 135 9.19 -1.97 -1.71
N SER B 136 8.58 -3.04 -2.21
CA SER B 136 8.58 -4.32 -1.53
C SER B 136 8.98 -5.46 -2.46
N LYS B 137 9.88 -6.31 -1.98
CA LYS B 137 10.34 -7.47 -2.75
C LYS B 137 9.32 -8.56 -2.40
N VAL B 138 8.75 -9.19 -3.41
CA VAL B 138 7.75 -10.23 -3.19
C VAL B 138 8.14 -11.56 -3.79
N SER B 139 8.33 -12.56 -2.93
CA SER B 139 8.71 -13.89 -3.38
C SER B 139 7.49 -14.81 -3.39
N ALA B 140 7.18 -15.38 -4.55
CA ALA B 140 6.04 -16.27 -4.67
C ALA B 140 6.27 -17.32 -5.74
N GLU B 141 5.88 -18.55 -5.45
CA GLU B 141 6.03 -19.67 -6.37
C GLU B 141 7.39 -19.71 -7.05
N GLY B 142 8.44 -19.56 -6.25
CA GLY B 142 9.81 -19.60 -6.76
C GLY B 142 10.25 -18.44 -7.64
N LYS B 143 9.45 -17.38 -7.69
CA LYS B 143 9.81 -16.22 -8.52
C LYS B 143 9.90 -14.96 -7.67
N VAL B 144 10.69 -14.00 -8.14
CA VAL B 144 10.87 -12.74 -7.42
C VAL B 144 10.17 -11.59 -8.14
N TYR B 145 9.21 -10.97 -7.45
CA TYR B 145 8.47 -9.84 -8.01
C TYR B 145 8.76 -8.63 -7.14
N TYR B 146 8.33 -7.46 -7.61
CA TYR B 146 8.50 -6.25 -6.83
C TYR B 146 7.23 -5.43 -6.95
N LEU B 147 6.75 -4.92 -5.83
CA LEU B 147 5.56 -4.07 -5.81
C LEU B 147 5.96 -2.70 -5.29
N ALA B 148 5.66 -1.68 -6.06
CA ALA B 148 5.94 -0.31 -5.63
C ALA B 148 4.61 0.35 -5.33
N LEU B 149 4.49 0.91 -4.13
CA LEU B 149 3.29 1.64 -3.73
C LEU B 149 3.72 3.09 -3.74
N VAL B 150 2.97 3.91 -4.47
CA VAL B 150 3.33 5.32 -4.66
C VAL B 150 2.31 6.33 -4.17
N ARG B 151 2.82 7.40 -3.57
CA ARG B 151 2.00 8.48 -3.05
C ARG B 151 2.56 9.82 -3.51
N ASP B 152 1.67 10.78 -3.74
CA ASP B 152 2.08 12.10 -4.16
C ASP B 152 2.83 12.75 -2.99
N ALA B 153 3.87 13.52 -3.30
CA ALA B 153 4.66 14.19 -2.27
C ALA B 153 4.97 15.61 -2.72
CHA HEM C . -10.75 8.81 10.77
CHB HEM C . -7.03 8.20 13.85
CHC HEM C . -6.58 3.60 12.42
CHD HEM C . -10.29 4.15 9.35
C1A HEM C . -9.76 9.03 11.77
C2A HEM C . -9.57 10.32 12.43
C3A HEM C . -8.51 10.15 13.30
C4A HEM C . -8.07 8.78 13.15
CMA HEM C . -7.92 11.23 14.23
CAA HEM C . -10.50 11.54 12.28
CBA HEM C . -9.77 12.74 11.69
CGA HEM C . -9.25 12.50 10.30
O1A HEM C . -8.03 12.67 10.12
O2A HEM C . -10.04 12.15 9.40
C1B HEM C . -6.58 6.90 13.71
C2B HEM C . -5.47 6.37 14.46
C3B HEM C . -5.30 5.03 14.11
C4B HEM C . -6.36 4.80 13.08
CMB HEM C . -4.65 7.19 15.48
CAB HEM C . -4.30 4.15 14.63
CBB HEM C . -2.91 4.32 14.93
C1C HEM C . -7.56 3.36 11.46
C2C HEM C . -7.70 2.06 10.80
C3C HEM C . -8.77 2.21 9.90
C4C HEM C . -9.23 3.58 10.06
CMC HEM C . -6.80 0.82 11.08
CAC HEM C . -9.36 1.26 8.99
CBC HEM C . -8.75 0.25 8.22
C1D HEM C . -10.75 5.47 9.46
C2D HEM C . -11.84 6.04 8.67
C3D HEM C . -11.96 7.35 9.07
C4D HEM C . -10.94 7.56 10.10
CMD HEM C . -12.68 5.34 7.60
CAD HEM C . -12.96 8.39 8.54
CBD HEM C . -12.16 9.25 7.57
CGD HEM C . -12.97 10.05 6.56
O1D HEM C . -12.35 10.67 5.66
O2D HEM C . -14.23 10.06 6.67
NA HEM C . -8.84 8.10 12.22
NB HEM C . -7.15 5.94 12.86
NC HEM C . -8.48 4.29 11.03
ND HEM C . -10.21 6.41 10.33
FE HEM C . -8.73 6.22 11.62
CHA HEM D . 16.16 1.07 -7.03
CHB HEM D . 14.30 5.24 -8.74
CHC HEM D . 10.31 2.88 -10.12
CHD HEM D . 12.15 -1.28 -8.45
C1A HEM D . 15.99 2.42 -7.35
C2A HEM D . 16.97 3.46 -7.04
C3A HEM D . 16.44 4.64 -7.52
C4A HEM D . 15.17 4.32 -8.13
CMA HEM D . 17.11 6.03 -7.43
CAA HEM D . 18.31 3.27 -6.31
CBA HEM D . 18.10 2.95 -4.85
CGA HEM D . 17.86 4.18 -4.01
O1A HEM D . 18.86 4.72 -3.50
O2A HEM D . 16.69 4.60 -3.87
C1B HEM D . 13.06 4.98 -9.30
C2B HEM D . 12.21 5.96 -9.89
C3B HEM D . 11.02 5.33 -10.32
C4B HEM D . 11.24 3.91 -9.93
CMB HEM D . 12.57 7.47 -10.02
CAB HEM D . 9.91 5.96 -10.97
CBB HEM D . 9.26 7.22 -10.78
C1C HEM D . 10.48 1.53 -9.77
C2C HEM D . 9.42 0.55 -9.99
C3C HEM D . 9.93 -0.66 -9.53
C4C HEM D . 11.29 -0.36 -9.02
CMC HEM D . 8.03 0.84 -10.63
CAC HEM D . 9.33 -1.96 -9.49
CBC HEM D . 8.08 -2.36 -8.98
C1D HEM D . 13.41 -1.00 -7.95
C2D HEM D . 14.29 -1.99 -7.36
C3D HEM D . 15.40 -1.33 -6.95
C4D HEM D . 15.21 0.07 -7.31
CMD HEM D . 14.02 -3.50 -7.19
CAD HEM D . 16.63 -1.93 -6.25
CBD HEM D . 16.40 -1.69 -4.76
CGD HEM D . 17.60 -2.04 -3.91
O1D HEM D . 17.41 -2.82 -2.93
O2D HEM D . 18.70 -1.53 -4.18
NA HEM D . 14.90 2.96 -8.01
NB HEM D . 12.47 3.70 -9.33
NC HEM D . 11.61 1.00 -9.17
ND HEM D . 13.99 0.27 -7.93
FE HEM D . 13.29 1.99 -8.66
O1 OXY E . 12.03 2.28 -6.69
O2 OXY E . 11.06 2.12 -5.90
#